data_2WTA
#
_entry.id   2WTA
#
_cell.length_a   50.688
_cell.length_b   46.507
_cell.length_c   107.602
_cell.angle_alpha   90.00
_cell.angle_beta   101.97
_cell.angle_gamma   90.00
#
_symmetry.space_group_name_H-M   'I 1 2 1'
#
loop_
_entity.id
_entity.type
_entity.pdbx_description
1 polymer NICOTINAMIDASE
2 non-polymer 'ZINC ION'
3 non-polymer 'PYRAZINE-2-CARBOXYLIC ACID'
4 non-polymer GLYCEROL
5 non-polymer 'CHLORIDE ION'
6 water water
#
_entity_poly.entity_id   1
_entity_poly.type   'polypeptide(L)'
_entity_poly.pdbx_seq_one_letter_code
;MGSSHHHHHHSSGENLYFQGHMKMNKQPQNSALVVVDVQNGFTPGGNLAVADADTIIPTINQLAGCFENVVLTQDWHPDN
HISFAANHPGKQPFETIELDYGSQVLWPKHCIQGTHDAEFHPDLNIPTAQLIIRKGFHAHIDSYSAFMEADHTTMTGLTG
YLKERGIDTVYVVGIATDFCVAWTALDAVKQGFKTLVIEDACKGIDLNGSLEQAWQTMQQQGVVRIQSTDLLNEC
;
_entity_poly.pdbx_strand_id   A
#
# COMPACT_ATOMS: atom_id res chain seq x y z
N MET A 24 16.42 16.55 12.75
CA MET A 24 16.48 15.07 12.96
C MET A 24 17.62 14.46 12.15
N ASN A 25 18.12 13.31 12.61
CA ASN A 25 19.11 12.53 11.86
C ASN A 25 18.41 11.70 10.79
N LYS A 26 18.02 12.34 9.69
CA LYS A 26 17.18 11.70 8.67
C LYS A 26 17.87 10.55 7.93
N GLN A 27 17.06 9.68 7.32
CA GLN A 27 17.56 8.63 6.45
C GLN A 27 18.22 9.27 5.22
N PRO A 28 19.16 8.56 4.58
CA PRO A 28 19.87 9.18 3.46
C PRO A 28 18.98 9.45 2.25
N GLN A 29 19.53 10.20 1.29
CA GLN A 29 18.77 10.61 0.10
C GLN A 29 18.39 9.47 -0.83
N ASN A 30 19.03 8.30 -0.66
CA ASN A 30 18.72 7.15 -1.50
C ASN A 30 17.58 6.27 -0.98
N SER A 31 16.95 6.67 0.13
N SER A 31 16.95 6.68 0.12
CA SER A 31 15.83 5.91 0.70
CA SER A 31 15.81 5.94 0.67
C SER A 31 14.54 6.72 0.67
C SER A 31 14.54 6.73 0.47
N ALA A 32 13.42 6.03 0.53
CA ALA A 32 12.11 6.66 0.56
C ALA A 32 11.16 5.86 1.44
N LEU A 33 10.25 6.58 2.09
CA LEU A 33 9.14 5.96 2.79
C LEU A 33 7.93 5.99 1.85
N VAL A 34 7.31 4.83 1.63
CA VAL A 34 6.09 4.72 0.82
C VAL A 34 4.95 4.40 1.78
N VAL A 35 4.04 5.37 1.92
CA VAL A 35 2.91 5.27 2.84
C VAL A 35 1.67 4.82 2.08
N VAL A 36 1.28 3.57 2.31
CA VAL A 36 0.27 2.92 1.46
C VAL A 36 -1.13 3.06 2.04
N ASP A 37 -1.97 3.75 1.28
CA ASP A 37 -3.44 3.76 1.44
C ASP A 37 -3.94 4.07 2.85
N VAL A 38 -3.39 5.11 3.46
CA VAL A 38 -3.85 5.53 4.79
C VAL A 38 -5.04 6.47 4.59
N GLN A 39 -6.16 5.84 4.24
CA GLN A 39 -7.34 6.49 3.76
C GLN A 39 -8.52 6.19 4.65
N ASN A 40 -9.53 7.04 4.55
CA ASN A 40 -10.77 6.83 5.30
C ASN A 40 -11.38 5.45 5.03
N GLY A 41 -11.31 4.99 3.79
CA GLY A 41 -11.94 3.74 3.39
C GLY A 41 -11.41 2.50 4.09
N PHE A 42 -10.13 2.53 4.48
CA PHE A 42 -9.50 1.37 5.11
C PHE A 42 -9.34 1.48 6.61
N THR A 43 -9.91 2.52 7.21
CA THR A 43 -9.76 2.77 8.63
C THR A 43 -11.16 2.73 9.26
N PRO A 44 -11.23 2.50 10.56
CA PRO A 44 -12.54 2.44 11.22
C PRO A 44 -13.45 3.61 10.79
N GLY A 45 -14.68 3.28 10.41
CA GLY A 45 -15.65 4.22 9.88
C GLY A 45 -15.78 4.19 8.35
N GLY A 46 -14.79 3.60 7.67
CA GLY A 46 -14.79 3.53 6.22
C GLY A 46 -15.52 2.32 5.66
N ASN A 47 -15.61 2.29 4.34
CA ASN A 47 -16.33 1.24 3.63
C ASN A 47 -15.62 -0.11 3.60
N LEU A 48 -14.31 -0.11 3.88
CA LEU A 48 -13.54 -1.37 3.93
C LEU A 48 -12.61 -1.27 5.14
N ALA A 49 -13.22 -0.96 6.27
CA ALA A 49 -12.53 -0.61 7.50
C ALA A 49 -11.75 -1.80 8.07
N VAL A 50 -10.44 -1.62 8.20
CA VAL A 50 -9.58 -2.59 8.86
C VAL A 50 -9.50 -2.24 10.34
N ALA A 51 -9.92 -3.17 11.21
CA ALA A 51 -9.96 -2.90 12.64
C ALA A 51 -8.61 -2.39 13.15
N ASP A 52 -8.67 -1.34 13.96
CA ASP A 52 -7.51 -0.73 14.61
C ASP A 52 -6.50 -0.08 13.64
N ALA A 53 -6.87 0.04 12.36
CA ALA A 53 -5.90 0.54 11.37
C ALA A 53 -5.56 2.01 11.61
N ASP A 54 -6.45 2.74 12.28
CA ASP A 54 -6.16 4.14 12.60
C ASP A 54 -5.05 4.29 13.66
N THR A 55 -4.80 3.23 14.44
CA THR A 55 -3.85 3.31 15.55
C THR A 55 -2.39 3.38 15.09
N ILE A 56 -2.12 3.09 13.82
CA ILE A 56 -0.76 3.11 13.28
C ILE A 56 -0.36 4.52 12.83
N ILE A 57 -1.32 5.44 12.77
CA ILE A 57 -1.08 6.73 12.12
C ILE A 57 -0.07 7.62 12.85
N PRO A 58 -0.16 7.73 14.20
CA PRO A 58 0.87 8.50 14.89
C PRO A 58 2.30 8.00 14.63
N THR A 59 2.48 6.68 14.54
CA THR A 59 3.79 6.09 14.23
C THR A 59 4.24 6.46 12.83
N ILE A 60 3.33 6.38 11.87
CA ILE A 60 3.63 6.76 10.50
C ILE A 60 4.01 8.25 10.44
N ASN A 61 3.25 9.11 11.10
CA ASN A 61 3.54 10.54 11.09
C ASN A 61 4.93 10.82 11.62
N GLN A 62 5.32 10.11 12.68
CA GLN A 62 6.64 10.29 13.29
C GLN A 62 7.74 9.76 12.37
N LEU A 63 7.52 8.58 11.80
CA LEU A 63 8.47 7.99 10.85
C LEU A 63 8.75 8.88 9.66
N ALA A 64 7.69 9.48 9.13
CA ALA A 64 7.82 10.29 7.92
C ALA A 64 8.79 11.45 8.13
N GLY A 65 8.79 12.01 9.34
CA GLY A 65 9.72 13.09 9.69
C GLY A 65 11.18 12.68 9.60
N CYS A 66 11.44 11.39 9.69
CA CYS A 66 12.79 10.84 9.66
C CYS A 66 13.33 10.52 8.27
N PHE A 67 12.49 10.73 7.26
CA PHE A 67 12.88 10.45 5.90
C PHE A 67 12.97 11.75 5.14
N GLU A 68 13.94 11.82 4.24
N GLU A 68 13.94 11.86 4.25
CA GLU A 68 14.09 12.93 3.32
CA GLU A 68 14.00 12.99 3.36
C GLU A 68 13.04 12.87 2.21
C GLU A 68 12.88 12.88 2.32
N ASN A 69 12.65 11.65 1.85
CA ASN A 69 11.72 11.40 0.75
C ASN A 69 10.54 10.53 1.17
N VAL A 70 9.34 11.04 0.93
CA VAL A 70 8.11 10.38 1.32
C VAL A 70 7.11 10.44 0.18
N VAL A 71 6.57 9.28 -0.16
CA VAL A 71 5.56 9.11 -1.19
C VAL A 71 4.30 8.57 -0.53
N LEU A 72 3.15 9.11 -0.88
CA LEU A 72 1.87 8.60 -0.39
C LEU A 72 1.17 7.90 -1.55
N THR A 73 0.52 6.78 -1.27
N THR A 73 0.52 6.78 -1.30
CA THR A 73 -0.33 6.13 -2.26
CA THR A 73 -0.31 6.15 -2.32
C THR A 73 -1.79 6.28 -1.87
C THR A 73 -1.77 6.17 -1.88
N GLN A 74 -2.66 6.24 -2.88
CA GLN A 74 -4.05 6.41 -2.66
C GLN A 74 -4.80 5.45 -3.60
N ASP A 75 -5.55 4.52 -3.03
CA ASP A 75 -6.47 3.72 -3.81
C ASP A 75 -7.50 4.68 -4.38
N TRP A 76 -7.82 4.52 -5.67
CA TRP A 76 -8.46 5.60 -6.39
C TRP A 76 -9.34 5.04 -7.50
N HIS A 77 -10.45 4.42 -7.09
CA HIS A 77 -11.25 3.61 -8.00
C HIS A 77 -12.38 4.37 -8.64
N PRO A 78 -12.63 4.13 -9.94
CA PRO A 78 -13.88 4.62 -10.50
C PRO A 78 -15.07 3.80 -9.96
N ASP A 79 -16.28 4.34 -10.08
N ASP A 79 -16.28 4.34 -10.05
CA ASP A 79 -17.46 3.67 -9.53
CA ASP A 79 -17.45 3.63 -9.55
C ASP A 79 -17.77 2.31 -10.20
C ASP A 79 -17.60 2.23 -10.14
N ASN A 80 -17.29 2.11 -11.42
CA ASN A 80 -17.45 0.84 -12.15
C ASN A 80 -16.27 -0.12 -12.04
N HIS A 81 -15.48 -0.02 -10.97
CA HIS A 81 -14.27 -0.83 -10.85
C HIS A 81 -14.52 -2.35 -10.74
N ILE A 82 -13.68 -3.11 -11.43
CA ILE A 82 -13.81 -4.58 -11.51
C ILE A 82 -13.63 -5.27 -10.16
N SER A 83 -12.91 -4.63 -9.25
CA SER A 83 -12.66 -5.23 -7.94
C SER A 83 -13.87 -5.18 -7.00
N PHE A 84 -14.93 -4.45 -7.36
CA PHE A 84 -16.11 -4.36 -6.51
C PHE A 84 -17.10 -5.49 -6.77
N ALA A 85 -17.45 -6.22 -5.72
CA ALA A 85 -18.49 -7.26 -5.80
C ALA A 85 -19.79 -6.74 -6.44
N ALA A 86 -20.16 -5.50 -6.14
CA ALA A 86 -21.35 -4.87 -6.71
C ALA A 86 -21.37 -4.79 -8.25
N ASN A 87 -20.22 -4.87 -8.90
CA ASN A 87 -20.12 -4.83 -10.36
C ASN A 87 -20.05 -6.21 -11.02
N HIS A 88 -20.45 -7.24 -10.27
CA HIS A 88 -20.43 -8.62 -10.73
C HIS A 88 -21.69 -9.33 -10.24
N PRO A 89 -22.63 -9.62 -11.16
CA PRO A 89 -23.90 -10.19 -10.74
C PRO A 89 -23.70 -11.49 -9.99
N GLY A 90 -24.41 -11.64 -8.87
CA GLY A 90 -24.37 -12.87 -8.08
C GLY A 90 -23.13 -13.09 -7.23
N LYS A 91 -22.24 -12.10 -7.15
CA LYS A 91 -21.06 -12.18 -6.29
C LYS A 91 -21.24 -11.25 -5.09
N GLN A 92 -20.64 -11.63 -3.96
CA GLN A 92 -20.71 -10.84 -2.73
C GLN A 92 -19.31 -10.48 -2.25
N PRO A 93 -19.18 -9.41 -1.44
CA PRO A 93 -17.83 -9.06 -0.99
C PRO A 93 -17.07 -10.23 -0.34
N PHE A 94 -15.77 -10.24 -0.62
CA PHE A 94 -14.79 -11.20 -0.10
C PHE A 94 -14.79 -12.57 -0.77
N GLU A 95 -15.65 -12.73 -1.79
CA GLU A 95 -15.56 -13.86 -2.71
C GLU A 95 -14.48 -13.54 -3.74
N THR A 96 -14.08 -14.55 -4.49
N THR A 96 -14.07 -14.56 -4.49
CA THR A 96 -13.04 -14.43 -5.51
CA THR A 96 -13.05 -14.40 -5.52
C THR A 96 -13.63 -14.72 -6.89
C THR A 96 -13.64 -14.71 -6.89
N ILE A 97 -13.03 -14.12 -7.92
CA ILE A 97 -13.45 -14.32 -9.30
C ILE A 97 -12.20 -14.49 -10.16
N GLU A 98 -12.31 -15.32 -11.19
CA GLU A 98 -11.23 -15.50 -12.16
C GLU A 98 -11.38 -14.48 -13.28
N LEU A 99 -10.42 -13.56 -13.35
CA LEU A 99 -10.36 -12.58 -14.42
C LEU A 99 -9.28 -13.00 -15.40
N ASP A 100 -9.18 -12.28 -16.51
CA ASP A 100 -8.15 -12.56 -17.52
C ASP A 100 -6.77 -12.71 -16.88
N TYR A 101 -6.46 -11.83 -15.93
CA TYR A 101 -5.14 -11.81 -15.31
C TYR A 101 -4.95 -12.71 -14.08
N GLY A 102 -5.97 -13.50 -13.75
CA GLY A 102 -5.90 -14.42 -12.63
C GLY A 102 -6.97 -14.15 -11.58
N SER A 103 -6.76 -14.69 -10.39
CA SER A 103 -7.74 -14.58 -9.32
C SER A 103 -7.82 -13.16 -8.77
N GLN A 104 -9.05 -12.68 -8.56
CA GLN A 104 -9.30 -11.35 -8.02
C GLN A 104 -10.26 -11.46 -6.85
N VAL A 105 -9.85 -10.96 -5.70
CA VAL A 105 -10.75 -10.84 -4.56
C VAL A 105 -11.72 -9.69 -4.85
N LEU A 106 -12.99 -9.90 -4.58
CA LEU A 106 -14.00 -8.85 -4.73
C LEU A 106 -14.25 -8.18 -3.39
N TRP A 107 -14.47 -6.86 -3.42
CA TRP A 107 -14.54 -6.05 -2.21
C TRP A 107 -15.84 -5.26 -2.14
N PRO A 108 -16.18 -4.74 -0.94
CA PRO A 108 -17.19 -3.69 -0.86
C PRO A 108 -16.71 -2.50 -1.70
N LYS A 109 -17.61 -1.67 -2.21
CA LYS A 109 -17.18 -0.45 -2.90
C LYS A 109 -16.41 0.38 -1.88
N HIS A 110 -15.26 0.89 -2.31
CA HIS A 110 -14.32 1.58 -1.44
C HIS A 110 -13.48 2.54 -2.25
N CYS A 111 -13.12 3.65 -1.61
CA CYS A 111 -12.12 4.59 -2.15
C CYS A 111 -12.43 5.04 -3.58
N ILE A 112 -13.70 5.34 -3.81
CA ILE A 112 -14.12 5.85 -5.10
C ILE A 112 -13.61 7.29 -5.28
N GLN A 113 -13.04 7.54 -6.46
CA GLN A 113 -12.44 8.84 -6.79
C GLN A 113 -13.34 9.99 -6.37
N GLY A 114 -12.76 10.92 -5.60
CA GLY A 114 -13.43 12.16 -5.25
C GLY A 114 -14.36 12.10 -4.06
N THR A 115 -14.50 10.92 -3.45
CA THR A 115 -15.40 10.73 -2.32
C THR A 115 -14.65 10.83 -1.00
N HIS A 116 -15.42 11.01 0.07
CA HIS A 116 -14.86 11.05 1.42
C HIS A 116 -14.07 9.77 1.72
N ASP A 117 -14.59 8.63 1.28
CA ASP A 117 -13.95 7.34 1.53
C ASP A 117 -12.50 7.30 0.99
N ALA A 118 -12.25 7.97 -0.14
CA ALA A 118 -10.94 7.93 -0.79
C ALA A 118 -9.94 8.91 -0.19
N GLU A 119 -10.42 9.87 0.62
CA GLU A 119 -9.56 10.87 1.23
C GLU A 119 -8.58 10.24 2.21
N PHE A 120 -7.45 10.89 2.39
CA PHE A 120 -6.55 10.50 3.47
C PHE A 120 -7.23 10.65 4.81
N HIS A 121 -6.90 9.72 5.71
CA HIS A 121 -7.38 9.79 7.08
C HIS A 121 -7.00 11.15 7.68
N PRO A 122 -7.94 11.78 8.39
CA PRO A 122 -7.65 13.14 8.90
C PRO A 122 -6.48 13.22 9.89
N ASP A 123 -6.14 12.13 10.55
CA ASP A 123 -5.00 12.11 11.47
C ASP A 123 -3.64 12.02 10.76
N LEU A 124 -3.64 11.64 9.48
CA LEU A 124 -2.39 11.57 8.70
C LEU A 124 -1.88 12.98 8.55
N ASN A 125 -0.62 13.20 8.91
CA ASN A 125 -0.03 14.52 8.92
C ASN A 125 1.41 14.45 8.46
N ILE A 126 1.58 14.53 7.14
CA ILE A 126 2.89 14.43 6.53
C ILE A 126 3.02 15.58 5.52
N PRO A 127 3.18 16.80 6.03
CA PRO A 127 3.29 17.95 5.12
C PRO A 127 4.49 17.86 4.19
N THR A 128 5.50 17.08 4.54
CA THR A 128 6.72 16.98 3.74
C THR A 128 6.59 15.99 2.58
N ALA A 129 5.46 15.28 2.46
CA ALA A 129 5.28 14.29 1.40
C ALA A 129 5.42 14.94 0.02
N GLN A 130 6.13 14.26 -0.88
CA GLN A 130 6.54 14.84 -2.17
C GLN A 130 5.77 14.37 -3.39
N LEU A 131 5.02 13.30 -3.22
CA LEU A 131 4.26 12.67 -4.30
C LEU A 131 3.06 12.00 -3.71
N ILE A 132 1.93 12.10 -4.43
CA ILE A 132 0.77 11.28 -4.20
C ILE A 132 0.51 10.53 -5.48
N ILE A 133 0.64 9.21 -5.39
CA ILE A 133 0.39 8.36 -6.54
C ILE A 133 -0.90 7.60 -6.33
N ARG A 134 -1.81 7.77 -7.26
CA ARG A 134 -3.06 7.10 -7.18
C ARG A 134 -2.98 5.79 -7.95
N LYS A 135 -3.75 4.81 -7.51
CA LYS A 135 -3.72 3.50 -8.13
C LYS A 135 -5.11 2.91 -8.17
N GLY A 136 -5.30 1.93 -9.05
CA GLY A 136 -6.58 1.23 -9.14
C GLY A 136 -7.61 2.01 -9.97
N PHE A 137 -7.13 2.99 -10.75
CA PHE A 137 -8.00 3.88 -11.51
C PHE A 137 -8.47 3.34 -12.87
N HIS A 138 -7.84 2.27 -13.37
CA HIS A 138 -8.30 1.59 -14.57
C HIS A 138 -9.47 0.69 -14.16
N ALA A 139 -10.64 0.91 -14.78
CA ALA A 139 -11.87 0.21 -14.43
C ALA A 139 -11.71 -1.31 -14.43
N HIS A 140 -10.92 -1.83 -15.37
CA HIS A 140 -10.86 -3.27 -15.59
C HIS A 140 -9.65 -3.98 -14.96
N ILE A 141 -8.88 -3.25 -14.16
CA ILE A 141 -7.65 -3.79 -13.59
C ILE A 141 -7.49 -3.27 -12.16
N ASP A 142 -7.35 -4.16 -11.19
CA ASP A 142 -6.97 -3.69 -9.86
C ASP A 142 -5.48 -3.38 -9.79
N SER A 143 -5.07 -2.76 -8.68
CA SER A 143 -3.67 -2.47 -8.45
C SER A 143 -3.41 -2.34 -6.97
N TYR A 144 -3.30 -3.45 -6.26
CA TYR A 144 -2.93 -3.36 -4.84
C TYR A 144 -1.57 -2.70 -4.71
N SER A 145 -0.67 -3.09 -5.62
CA SER A 145 0.68 -2.57 -5.57
C SER A 145 0.75 -1.16 -6.14
N ALA A 146 1.57 -0.33 -5.51
CA ALA A 146 1.86 1.00 -6.04
C ALA A 146 2.85 0.99 -7.21
N PHE A 147 3.37 -0.19 -7.55
CA PHE A 147 4.39 -0.33 -8.61
C PHE A 147 3.89 -0.95 -9.91
N MET A 148 2.94 -1.85 -9.78
CA MET A 148 2.50 -2.64 -10.92
C MET A 148 1.06 -3.03 -10.69
N GLU A 149 0.26 -3.00 -11.75
CA GLU A 149 -1.14 -3.35 -11.63
C GLU A 149 -1.30 -4.88 -11.61
N ALA A 150 -2.52 -5.32 -11.32
CA ALA A 150 -2.83 -6.76 -11.11
C ALA A 150 -2.61 -7.64 -12.34
N ASP A 151 -2.49 -7.03 -13.51
CA ASP A 151 -2.14 -7.78 -14.72
C ASP A 151 -0.67 -8.19 -14.81
N HIS A 152 0.14 -7.78 -13.83
N HIS A 152 0.12 -7.73 -13.82
CA HIS A 152 1.57 -8.13 -13.79
CA HIS A 152 1.56 -7.94 -13.71
C HIS A 152 2.42 -7.40 -14.84
C HIS A 152 2.34 -7.54 -14.95
N THR A 153 1.79 -6.57 -15.68
CA THR A 153 2.46 -5.96 -16.83
C THR A 153 2.34 -4.43 -16.88
N THR A 154 1.21 -3.88 -16.45
CA THR A 154 1.01 -2.44 -16.50
C THR A 154 1.79 -1.78 -15.36
N MET A 155 2.89 -1.12 -15.69
N MET A 155 2.87 -1.11 -15.72
CA MET A 155 3.70 -0.43 -14.68
CA MET A 155 3.70 -0.36 -14.78
C MET A 155 3.10 0.93 -14.38
C MET A 155 2.96 0.91 -14.36
N THR A 156 3.12 1.31 -13.10
CA THR A 156 2.41 2.50 -12.60
C THR A 156 3.16 3.81 -12.81
N GLY A 157 4.46 3.73 -13.06
CA GLY A 157 5.30 4.91 -13.12
C GLY A 157 6.19 5.08 -11.89
N LEU A 158 5.86 4.39 -10.79
CA LEU A 158 6.58 4.62 -9.53
C LEU A 158 8.05 4.23 -9.58
N THR A 159 8.35 3.08 -10.20
CA THR A 159 9.74 2.65 -10.38
C THR A 159 10.58 3.73 -11.08
N GLY A 160 10.09 4.22 -12.21
CA GLY A 160 10.77 5.24 -13.00
C GLY A 160 10.97 6.51 -12.21
N TYR A 161 9.96 6.90 -11.43
CA TYR A 161 10.04 8.07 -10.59
C TYR A 161 11.16 7.92 -9.55
N LEU A 162 11.12 6.81 -8.82
CA LEU A 162 12.08 6.61 -7.74
C LEU A 162 13.52 6.53 -8.26
N LYS A 163 13.72 5.78 -9.34
N LYS A 163 13.72 5.78 -9.34
CA LYS A 163 15.07 5.59 -9.89
CA LYS A 163 15.05 5.60 -9.91
C LYS A 163 15.64 6.87 -10.49
C LYS A 163 15.61 6.93 -10.41
N GLU A 164 14.78 7.72 -11.05
CA GLU A 164 15.20 9.02 -11.55
C GLU A 164 15.69 9.90 -10.40
N ARG A 165 15.03 9.78 -9.25
CA ARG A 165 15.38 10.53 -8.05
C ARG A 165 16.54 9.91 -7.23
N GLY A 166 17.12 8.83 -7.73
CA GLY A 166 18.27 8.22 -7.07
C GLY A 166 17.93 7.37 -5.86
N ILE A 167 16.67 6.94 -5.76
CA ILE A 167 16.23 6.14 -4.63
C ILE A 167 16.46 4.66 -4.93
N ASP A 168 17.14 3.95 -4.04
CA ASP A 168 17.37 2.52 -4.22
C ASP A 168 16.88 1.66 -3.05
N THR A 169 16.29 2.31 -2.04
CA THR A 169 15.80 1.64 -0.85
C THR A 169 14.42 2.18 -0.53
N VAL A 170 13.47 1.28 -0.29
N VAL A 170 13.47 1.28 -0.32
CA VAL A 170 12.09 1.63 -0.04
CA VAL A 170 12.09 1.64 -0.03
C VAL A 170 11.60 0.98 1.25
C VAL A 170 11.64 1.00 1.27
N TYR A 171 11.04 1.80 2.14
CA TYR A 171 10.42 1.36 3.37
C TYR A 171 8.92 1.51 3.20
N VAL A 172 8.16 0.48 3.52
CA VAL A 172 6.74 0.46 3.25
C VAL A 172 5.97 0.38 4.56
N VAL A 173 4.95 1.22 4.67
CA VAL A 173 4.03 1.26 5.80
C VAL A 173 2.62 1.42 5.27
N GLY A 174 1.63 1.19 6.14
CA GLY A 174 0.25 1.47 5.80
C GLY A 174 -0.71 0.29 5.89
N ILE A 175 -1.68 0.28 4.99
CA ILE A 175 -2.81 -0.63 5.07
C ILE A 175 -3.11 -1.17 3.68
N ALA A 176 -3.44 -2.44 3.49
CA ALA A 176 -3.37 -3.51 4.48
C ALA A 176 -2.04 -4.25 4.32
N THR A 177 -1.47 -4.65 5.45
CA THR A 177 -0.20 -5.39 5.47
C THR A 177 -0.16 -6.48 4.42
N ASP A 178 -1.25 -7.23 4.33
CA ASP A 178 -1.30 -8.44 3.50
C ASP A 178 -1.77 -8.25 2.05
N PHE A 179 -2.18 -7.05 1.71
CA PHE A 179 -2.58 -6.74 0.35
C PHE A 179 -1.75 -5.60 -0.25
N CYS A 180 -2.14 -4.36 -0.05
CA CYS A 180 -1.45 -3.28 -0.74
C CYS A 180 -0.04 -3.12 -0.21
N VAL A 181 0.20 -3.35 1.07
CA VAL A 181 1.57 -3.22 1.62
C VAL A 181 2.44 -4.35 1.05
N ALA A 182 2.00 -5.59 1.26
CA ALA A 182 2.75 -6.77 0.78
C ALA A 182 3.01 -6.71 -0.73
N TRP A 183 2.00 -6.42 -1.53
CA TRP A 183 2.20 -6.41 -2.98
C TRP A 183 3.12 -5.26 -3.41
N THR A 184 3.01 -4.10 -2.76
CA THR A 184 3.93 -3.00 -3.01
C THR A 184 5.37 -3.41 -2.67
N ALA A 185 5.55 -4.04 -1.52
CA ALA A 185 6.90 -4.48 -1.09
C ALA A 185 7.47 -5.54 -2.02
N LEU A 186 6.66 -6.52 -2.40
CA LEU A 186 7.11 -7.60 -3.27
C LEU A 186 7.45 -7.05 -4.66
N ASP A 187 6.68 -6.08 -5.14
CA ASP A 187 6.98 -5.47 -6.43
C ASP A 187 8.25 -4.61 -6.37
N ALA A 188 8.47 -3.92 -5.24
CA ALA A 188 9.68 -3.14 -5.04
C ALA A 188 10.91 -4.05 -5.16
N VAL A 189 10.85 -5.23 -4.53
CA VAL A 189 11.95 -6.21 -4.67
C VAL A 189 12.14 -6.67 -6.11
N LYS A 190 11.05 -6.97 -6.81
CA LYS A 190 11.16 -7.37 -8.20
C LYS A 190 11.83 -6.30 -9.07
N GLN A 191 11.64 -5.03 -8.70
CA GLN A 191 12.21 -3.91 -9.45
C GLN A 191 13.64 -3.52 -9.03
N GLY A 192 14.20 -4.24 -8.06
CA GLY A 192 15.58 -4.04 -7.66
C GLY A 192 15.82 -3.17 -6.45
N PHE A 193 14.77 -2.74 -5.78
CA PHE A 193 14.92 -1.95 -4.55
C PHE A 193 15.21 -2.82 -3.34
N LYS A 194 16.10 -2.34 -2.48
CA LYS A 194 16.19 -2.84 -1.10
C LYS A 194 14.89 -2.45 -0.43
N THR A 195 14.19 -3.44 0.11
CA THR A 195 12.82 -3.25 0.55
C THR A 195 12.61 -3.70 1.99
N LEU A 196 12.02 -2.81 2.78
CA LEU A 196 11.75 -3.06 4.19
C LEU A 196 10.30 -2.72 4.50
N VAL A 197 9.70 -3.47 5.40
CA VAL A 197 8.34 -3.19 5.87
C VAL A 197 8.38 -2.96 7.37
N ILE A 198 7.80 -1.85 7.81
CA ILE A 198 7.85 -1.45 9.21
C ILE A 198 6.56 -1.95 9.85
N GLU A 199 6.67 -3.11 10.49
CA GLU A 199 5.52 -3.92 10.90
C GLU A 199 4.51 -3.18 11.77
N ASP A 200 4.98 -2.43 12.76
CA ASP A 200 4.07 -1.78 13.69
C ASP A 200 3.47 -0.51 13.11
N ALA A 201 3.89 -0.14 11.91
CA ALA A 201 3.27 0.96 11.18
C ALA A 201 2.40 0.41 10.05
N CYS A 202 1.97 -0.85 10.17
CA CYS A 202 1.05 -1.50 9.21
C CYS A 202 -0.08 -2.18 9.97
N LYS A 203 -1.21 -2.37 9.29
CA LYS A 203 -2.30 -3.16 9.84
C LYS A 203 -2.89 -4.05 8.76
N GLY A 204 -3.14 -5.30 9.11
CA GLY A 204 -3.61 -6.32 8.17
C GLY A 204 -5.08 -6.70 8.30
N ILE A 205 -5.58 -7.39 7.29
N ILE A 205 -5.60 -7.35 7.26
CA ILE A 205 -6.98 -7.78 7.24
CA ILE A 205 -6.99 -7.83 7.22
C ILE A 205 -7.17 -9.30 7.47
C ILE A 205 -7.10 -9.30 7.59
N ASP A 206 -6.20 -10.11 7.02
CA ASP A 206 -6.17 -11.55 7.26
C ASP A 206 -7.37 -12.33 6.73
N LEU A 207 -7.53 -12.34 5.41
N LEU A 207 -7.48 -12.39 5.41
CA LEU A 207 -8.56 -13.13 4.73
CA LEU A 207 -8.55 -13.09 4.71
C LEU A 207 -8.00 -14.51 4.43
C LEU A 207 -8.07 -14.51 4.34
N ASN A 208 -8.64 -15.53 4.99
CA ASN A 208 -8.23 -16.94 4.74
C ASN A 208 -6.71 -17.16 4.90
N GLY A 209 -6.15 -16.64 5.98
CA GLY A 209 -4.75 -16.81 6.32
C GLY A 209 -3.79 -15.94 5.54
N SER A 210 -4.29 -14.90 4.90
CA SER A 210 -3.45 -14.04 4.08
C SER A 210 -2.34 -13.33 4.83
N LEU A 211 -2.54 -13.04 6.12
CA LEU A 211 -1.58 -12.22 6.85
C LEU A 211 -0.27 -12.97 7.10
N GLU A 212 -0.34 -14.16 7.68
N GLU A 212 -0.40 -14.16 7.68
CA GLU A 212 0.91 -14.90 7.88
CA GLU A 212 0.73 -15.06 7.92
C GLU A 212 1.51 -15.31 6.55
C GLU A 212 1.45 -15.36 6.61
N GLN A 213 0.69 -15.63 5.55
CA GLN A 213 1.24 -15.96 4.23
C GLN A 213 1.98 -14.77 3.61
N ALA A 214 1.44 -13.57 3.76
CA ALA A 214 2.10 -12.37 3.25
C ALA A 214 3.48 -12.18 3.91
N TRP A 215 3.57 -12.39 5.22
CA TRP A 215 4.84 -12.26 5.91
C TRP A 215 5.84 -13.32 5.40
N GLN A 216 5.36 -14.56 5.25
CA GLN A 216 6.20 -15.64 4.72
C GLN A 216 6.71 -15.31 3.34
N THR A 217 5.82 -14.91 2.44
CA THR A 217 6.25 -14.65 1.07
C THR A 217 7.22 -13.45 1.04
N MET A 218 6.92 -12.42 1.82
CA MET A 218 7.81 -11.28 1.91
C MET A 218 9.19 -11.68 2.44
N GLN A 219 9.26 -12.45 3.52
CA GLN A 219 10.54 -12.89 4.09
C GLN A 219 11.33 -13.70 3.05
N GLN A 220 10.63 -14.62 2.38
CA GLN A 220 11.25 -15.45 1.34
C GLN A 220 11.90 -14.62 0.24
N GLN A 221 11.24 -13.52 -0.11
CA GLN A 221 11.71 -12.65 -1.18
C GLN A 221 12.72 -11.57 -0.75
N GLY A 222 13.12 -11.60 0.52
CA GLY A 222 14.17 -10.70 1.01
C GLY A 222 13.67 -9.34 1.48
N VAL A 223 12.37 -9.19 1.66
CA VAL A 223 11.83 -8.00 2.30
C VAL A 223 12.25 -8.06 3.76
N VAL A 224 12.82 -6.99 4.28
CA VAL A 224 13.24 -6.95 5.69
C VAL A 224 12.08 -6.51 6.58
N ARG A 225 11.76 -7.33 7.57
CA ARG A 225 10.71 -7.02 8.55
C ARG A 225 11.34 -6.29 9.72
N ILE A 226 11.01 -5.02 9.90
CA ILE A 226 11.58 -4.21 10.98
C ILE A 226 10.48 -3.54 11.82
N GLN A 227 10.87 -3.02 12.98
CA GLN A 227 9.95 -2.28 13.85
C GLN A 227 10.31 -0.81 13.80
N SER A 228 9.35 0.06 14.10
CA SER A 228 9.55 1.51 14.03
C SER A 228 10.70 1.97 14.91
N THR A 229 10.85 1.35 16.08
CA THR A 229 11.92 1.70 17.01
C THR A 229 13.33 1.47 16.42
N ASP A 230 13.45 0.51 15.52
CA ASP A 230 14.71 0.25 14.81
C ASP A 230 15.14 1.48 14.00
N LEU A 231 14.19 2.11 13.31
N LEU A 231 14.19 2.11 13.32
CA LEU A 231 14.47 3.32 12.53
CA LEU A 231 14.44 3.30 12.53
C LEU A 231 14.52 4.57 13.41
C LEU A 231 14.50 4.56 13.40
N LEU A 232 13.57 4.69 14.33
CA LEU A 232 13.44 5.89 15.16
C LEU A 232 14.63 6.08 16.09
N ASN A 233 15.27 4.97 16.47
CA ASN A 233 16.50 5.01 17.28
C ASN A 233 17.76 5.42 16.50
N GLU A 234 17.65 5.59 15.19
CA GLU A 234 18.72 6.21 14.39
C GLU A 234 18.19 7.44 13.65
N CYS A 235 17.27 8.17 14.29
CA CYS A 235 16.70 9.40 13.75
C CYS A 235 16.86 10.55 14.74
#